data_5JP9
#
_entry.id   5JP9
#
_cell.length_a   109.298
_cell.length_b   109.298
_cell.length_c   113.155
_cell.angle_alpha   90.000
_cell.angle_beta   90.000
_cell.angle_gamma   120.000
#
_symmetry.space_group_name_H-M   'P 32 2 1'
#
loop_
_entity.id
_entity.type
_entity.pdbx_description
1 polymer 'CMP 5-hydroxymethylase'
2 non-polymer "2'-DEOXYCYTIDINE-5'-MONOPHOSPHATE"
3 water water
#
_entity_poly.entity_id   1
_entity_poly.type   'polypeptide(L)'
_entity_poly.pdbx_seq_one_letter_code
;TFGTFQDAYLSQLRDIYHSPEFRNAPRGQASRERIGAGFRLLDPVQRHISVPARRANVVFNFAEALWYLSGSDRLDFIQY
YAPGIAAYSADGRTLRGTAYGPRIFRHPAGGVNQWENVVKTLTDDPDSKRAVIQIFDPRELAVADNIDVACTLALQFLIR
DGLLCGIGYMRANDAFRGAVSDVFSFTFLQEFTARYLGLGIGTYHHVVGSVHIYDSDARWAERVLDAATPDGGPRPGFPA
MPDGDNWPHVRRVLEWEERLRTNAARLSADALDALDLPAYWKHVVALFEAHRQVRHEDTPDRALLAALPEVYRQSLAVKW
PGHFG
;
_entity_poly.pdbx_strand_id   A,B
#
# COMPACT_ATOMS: atom_id res chain seq x y z
N THR A 1 -4.74 17.94 3.16
CA THR A 1 -4.64 18.34 1.76
C THR A 1 -3.82 19.61 1.63
N PHE A 2 -2.83 19.63 0.74
CA PHE A 2 -1.99 20.80 0.58
C PHE A 2 -1.91 21.15 -0.90
N GLY A 3 -1.66 22.43 -1.17
CA GLY A 3 -1.50 22.86 -2.56
C GLY A 3 -0.27 22.28 -3.20
N THR A 4 0.89 22.42 -2.54
CA THR A 4 2.17 21.97 -3.07
C THR A 4 2.88 21.03 -2.11
N PHE A 5 3.87 20.30 -2.62
CA PHE A 5 4.58 19.37 -1.75
C PHE A 5 5.26 20.09 -0.60
N GLN A 6 5.80 21.28 -0.84
CA GLN A 6 6.53 21.97 0.23
C GLN A 6 5.65 22.21 1.46
N ASP A 7 4.39 22.58 1.28
CA ASP A 7 3.53 22.79 2.44
C ASP A 7 3.27 21.50 3.18
N ALA A 8 2.98 20.42 2.44
CA ALA A 8 2.82 19.11 3.06
C ALA A 8 4.09 18.69 3.79
N TYR A 9 5.24 18.87 3.14
CA TYR A 9 6.51 18.42 3.71
C TYR A 9 6.81 19.08 5.05
N LEU A 10 6.68 20.41 5.13
CA LEU A 10 7.01 21.11 6.36
C LEU A 10 6.02 20.81 7.47
N SER A 11 4.72 20.73 7.12
CA SER A 11 3.68 20.38 8.08
C SER A 11 3.95 19.01 8.71
N GLN A 12 4.25 18.02 7.87
CA GLN A 12 4.55 16.70 8.39
C GLN A 12 5.83 16.70 9.22
N LEU A 13 6.87 17.38 8.76
CA LEU A 13 8.12 17.44 9.51
C LEU A 13 7.89 18.01 10.90
N ARG A 14 7.08 19.06 10.99
CA ARG A 14 6.75 19.65 12.28
C ARG A 14 5.93 18.69 13.14
N ASP A 15 4.93 18.01 12.56
CA ASP A 15 4.13 17.03 13.32
C ASP A 15 5.01 15.99 13.97
N ILE A 16 5.89 15.37 13.19
CA ILE A 16 6.73 14.30 13.71
C ILE A 16 7.72 14.85 14.72
N TYR A 17 8.23 16.05 14.45
CA TYR A 17 9.27 16.57 15.33
C TYR A 17 8.69 16.96 16.69
N HIS A 18 7.52 17.57 16.71
CA HIS A 18 6.96 18.11 17.94
C HIS A 18 5.99 17.16 18.65
N SER A 19 5.30 16.30 17.91
CA SER A 19 4.35 15.35 18.50
C SER A 19 4.56 13.94 17.94
N PRO A 20 5.75 13.37 18.10
CA PRO A 20 5.95 11.99 17.64
C PRO A 20 5.05 11.03 18.41
N GLU A 21 4.54 10.02 17.72
CA GLU A 21 3.78 8.99 18.41
C GLU A 21 4.69 8.04 19.16
N PHE A 22 5.87 7.78 18.63
CA PHE A 22 6.81 6.85 19.24
C PHE A 22 8.22 7.38 19.07
N ARG A 23 9.08 7.00 20.00
CA ARG A 23 10.51 7.10 19.82
C ARG A 23 11.08 5.71 20.03
N ASN A 24 11.82 5.21 19.04
CA ASN A 24 12.28 3.84 18.99
C ASN A 24 13.52 3.80 18.11
N ALA A 25 14.01 2.59 17.79
CA ALA A 25 15.26 2.42 17.06
C ALA A 25 15.22 1.17 16.19
N PRO A 26 14.45 1.20 15.10
CA PRO A 26 14.46 0.07 14.16
C PRO A 26 15.87 -0.14 13.62
N ARG A 27 16.32 -1.40 13.64
CA ARG A 27 17.69 -1.77 13.23
C ARG A 27 18.73 -0.89 13.90
N GLY A 28 18.47 -0.49 15.15
CA GLY A 28 19.41 0.29 15.95
C GLY A 28 19.43 1.77 15.65
N GLN A 29 18.51 2.28 14.84
CA GLN A 29 18.50 3.67 14.38
C GLN A 29 17.46 4.50 15.13
N ALA A 30 17.90 5.29 16.11
CA ALA A 30 17.00 6.07 16.95
C ALA A 30 16.21 7.09 16.12
N SER A 31 14.90 7.14 16.33
CA SER A 31 14.01 7.92 15.48
C SER A 31 12.82 8.44 16.27
N ARG A 32 12.26 9.55 15.79
CA ARG A 32 10.89 9.96 16.11
C ARG A 32 9.98 9.47 15.01
N GLU A 33 8.76 9.07 15.38
CA GLU A 33 7.94 8.35 14.40
C GLU A 33 6.46 8.63 14.59
N ARG A 34 5.74 8.70 13.48
CA ARG A 34 4.28 8.65 13.44
C ARG A 34 3.86 7.50 12.53
N ILE A 35 2.69 6.92 12.80
CA ILE A 35 2.24 5.69 12.15
C ILE A 35 1.07 6.00 11.24
N GLY A 36 1.11 5.46 10.02
CA GLY A 36 -0.04 5.53 9.13
C GLY A 36 -0.36 6.96 8.75
N ALA A 37 0.60 7.66 8.16
CA ALA A 37 0.45 9.09 7.94
C ALA A 37 0.56 9.39 6.45
N GLY A 38 -0.17 10.41 6.03
CA GLY A 38 -0.14 10.74 4.62
C GLY A 38 -0.72 12.12 4.35
N PHE A 39 -0.78 12.45 3.07
CA PHE A 39 -1.27 13.76 2.63
C PHE A 39 -1.71 13.66 1.18
N ARG A 40 -2.41 14.69 0.75
CA ARG A 40 -2.89 14.83 -0.62
C ARG A 40 -2.37 16.14 -1.17
N LEU A 41 -1.79 16.09 -2.37
CA LEU A 41 -1.27 17.27 -3.05
C LEU A 41 -2.20 17.65 -4.19
N LEU A 42 -2.62 18.92 -4.22
CA LEU A 42 -3.47 19.37 -5.31
C LEU A 42 -2.70 19.59 -6.61
N ASP A 43 -1.44 20.02 -6.53
CA ASP A 43 -0.60 20.30 -7.71
C ASP A 43 0.72 19.52 -7.64
N PRO A 44 0.72 18.27 -8.11
CA PRO A 44 1.94 17.44 -8.01
C PRO A 44 3.11 17.91 -8.85
N VAL A 45 2.90 18.75 -9.86
CA VAL A 45 4.05 19.22 -10.63
C VAL A 45 4.92 20.13 -9.77
N GLN A 46 4.33 20.79 -8.78
CA GLN A 46 5.05 21.68 -7.87
C GLN A 46 5.67 20.84 -6.75
N ARG A 47 6.70 20.08 -7.13
CA ARG A 47 7.18 18.95 -6.34
C ARG A 47 8.48 19.25 -5.58
N HIS A 48 8.94 20.49 -5.59
CA HIS A 48 10.28 20.84 -5.13
C HIS A 48 10.22 21.52 -3.76
N ILE A 49 11.32 21.42 -3.04
CA ILE A 49 11.51 22.11 -1.78
C ILE A 49 12.45 23.27 -2.05
N SER A 50 12.00 24.50 -1.77
CA SER A 50 12.79 25.68 -2.05
C SER A 50 13.28 26.39 -0.79
N VAL A 51 12.96 25.86 0.39
CA VAL A 51 13.49 26.42 1.64
C VAL A 51 15.01 26.33 1.60
N PRO A 52 15.73 27.45 1.62
CA PRO A 52 17.20 27.37 1.47
C PRO A 52 17.89 26.51 2.52
N ALA A 53 17.42 26.52 3.77
CA ALA A 53 18.07 25.72 4.81
C ALA A 53 18.02 24.23 4.47
N ARG A 54 17.05 23.80 3.67
CA ARG A 54 16.96 22.40 3.29
C ARG A 54 17.98 22.01 2.22
N ARG A 55 18.43 22.96 1.40
CA ARG A 55 19.44 22.68 0.37
C ARG A 55 19.01 21.55 -0.56
N ALA A 56 17.75 21.56 -0.97
CA ALA A 56 17.28 20.53 -1.90
C ALA A 56 18.12 20.55 -3.17
N ASN A 57 18.45 19.36 -3.66
CA ASN A 57 19.42 19.20 -4.76
C ASN A 57 18.60 18.74 -5.96
N VAL A 58 18.23 19.68 -6.83
CA VAL A 58 17.39 19.35 -7.97
C VAL A 58 18.11 18.46 -8.97
N VAL A 59 19.46 18.48 -8.98
CA VAL A 59 20.18 17.57 -9.86
C VAL A 59 19.99 16.12 -9.41
N PHE A 60 20.17 15.86 -8.11
CA PHE A 60 19.91 14.51 -7.62
C PHE A 60 18.46 14.11 -7.89
N ASN A 61 17.53 15.05 -7.72
CA ASN A 61 16.12 14.74 -7.91
C ASN A 61 15.86 14.17 -9.30
N PHE A 62 16.31 14.87 -10.34
CA PHE A 62 16.15 14.39 -11.72
C PHE A 62 16.97 13.14 -11.97
N ALA A 63 18.18 13.09 -11.42
CA ALA A 63 19.02 11.91 -11.60
C ALA A 63 18.33 10.66 -11.08
N GLU A 64 17.75 10.74 -9.88
CA GLU A 64 17.05 9.58 -9.32
C GLU A 64 15.86 9.20 -10.18
N ALA A 65 15.07 10.19 -10.62
CA ALA A 65 13.90 9.88 -11.43
C ALA A 65 14.30 9.26 -12.76
N LEU A 66 15.38 9.76 -13.36
CA LEU A 66 15.83 9.21 -14.65
C LEU A 66 16.53 7.87 -14.48
N TRP A 67 17.25 7.68 -13.38
CA TRP A 67 17.76 6.35 -13.03
C TRP A 67 16.65 5.31 -13.00
N TYR A 68 15.50 5.65 -12.39
CA TYR A 68 14.35 4.76 -12.42
C TYR A 68 13.88 4.50 -13.86
N LEU A 69 13.70 5.57 -14.64
CA LEU A 69 13.19 5.39 -15.98
C LEU A 69 14.13 4.52 -16.82
N SER A 70 15.43 4.56 -16.53
CA SER A 70 16.38 3.72 -17.25
C SER A 70 16.29 2.25 -16.88
N GLY A 71 15.56 1.90 -15.83
CA GLY A 71 15.43 0.51 -15.42
C GLY A 71 16.67 -0.08 -14.81
N SER A 72 17.62 0.75 -14.41
CA SER A 72 18.93 0.28 -13.97
C SER A 72 18.96 0.00 -12.48
N ASP A 73 19.78 -0.97 -12.09
CA ASP A 73 20.09 -1.15 -10.67
C ASP A 73 21.52 -0.75 -10.35
N ARG A 74 22.20 -0.09 -11.28
CA ARG A 74 23.64 0.08 -11.14
C ARG A 74 23.97 1.21 -10.17
N LEU A 75 24.95 0.96 -9.30
CA LEU A 75 25.32 1.94 -8.27
C LEU A 75 26.11 3.11 -8.85
N ASP A 76 26.94 2.88 -9.87
CA ASP A 76 27.82 3.95 -10.35
C ASP A 76 27.04 5.16 -10.84
N PHE A 77 25.91 4.93 -11.51
CA PHE A 77 25.06 6.03 -11.97
C PHE A 77 24.64 6.92 -10.80
N ILE A 78 23.99 6.32 -9.80
CA ILE A 78 23.32 7.13 -8.80
C ILE A 78 24.29 7.62 -7.72
N GLN A 79 25.35 6.86 -7.43
CA GLN A 79 26.29 7.27 -6.38
C GLN A 79 27.09 8.50 -6.78
N TYR A 80 27.16 8.80 -8.08
CA TYR A 80 27.79 10.03 -8.56
C TYR A 80 27.07 11.26 -8.04
N TYR A 81 25.74 11.19 -7.88
CA TYR A 81 24.94 12.31 -7.38
C TYR A 81 24.74 12.28 -5.88
N ALA A 82 24.93 11.13 -5.24
CA ALA A 82 24.77 11.00 -3.79
C ALA A 82 25.74 9.92 -3.30
N PRO A 83 26.98 10.30 -2.99
CA PRO A 83 27.99 9.28 -2.62
C PRO A 83 27.58 8.39 -1.47
N GLY A 84 26.84 8.90 -0.49
CA GLY A 84 26.48 8.06 0.64
C GLY A 84 25.56 6.90 0.32
N ILE A 85 24.94 6.90 -0.86
CA ILE A 85 24.01 5.82 -1.22
C ILE A 85 24.73 4.49 -1.33
N ALA A 86 26.06 4.50 -1.52
CA ALA A 86 26.82 3.26 -1.63
C ALA A 86 26.79 2.43 -0.34
N ALA A 87 26.45 3.05 0.79
CA ALA A 87 26.32 2.30 2.04
C ALA A 87 25.21 1.25 1.99
N TYR A 88 24.30 1.32 1.02
CA TYR A 88 23.22 0.35 0.89
C TYR A 88 23.47 -0.66 -0.21
N SER A 89 24.65 -0.63 -0.83
CA SER A 89 25.05 -1.58 -1.86
C SER A 89 25.88 -2.67 -1.20
N ALA A 90 25.36 -3.90 -1.22
CA ALA A 90 26.09 -5.00 -0.62
C ALA A 90 27.25 -5.47 -1.48
N ASP A 91 27.19 -5.29 -2.80
CA ASP A 91 28.21 -5.80 -3.71
C ASP A 91 29.10 -4.72 -4.29
N GLY A 92 28.90 -3.46 -3.91
CA GLY A 92 29.66 -2.36 -4.47
C GLY A 92 29.40 -2.05 -5.92
N ARG A 93 28.40 -2.68 -6.55
CA ARG A 93 28.09 -2.32 -7.93
C ARG A 93 26.61 -2.20 -8.24
N THR A 94 25.70 -2.75 -7.40
CA THR A 94 24.26 -2.60 -7.60
C THR A 94 23.59 -2.25 -6.29
N LEU A 95 22.38 -1.68 -6.42
CA LEU A 95 21.45 -1.50 -5.32
C LEU A 95 20.28 -2.45 -5.50
N ARG A 96 19.59 -2.74 -4.39
CA ARG A 96 18.52 -3.74 -4.40
C ARG A 96 17.21 -3.03 -4.13
N GLY A 97 16.73 -3.01 -2.87
CA GLY A 97 15.49 -2.32 -2.55
C GLY A 97 15.47 -0.84 -2.89
N THR A 98 16.63 -0.20 -3.01
CA THR A 98 16.69 1.21 -3.41
C THR A 98 16.45 1.42 -4.90
N ALA A 99 16.70 0.40 -5.72
CA ALA A 99 16.62 0.53 -7.19
C ALA A 99 15.19 0.25 -7.66
N TYR A 100 14.36 1.29 -7.76
CA TYR A 100 12.98 1.10 -8.21
C TYR A 100 12.87 0.86 -9.72
N GLY A 101 13.89 1.21 -10.49
CA GLY A 101 13.84 1.03 -11.93
C GLY A 101 13.48 -0.38 -12.37
N PRO A 102 14.22 -1.39 -11.92
CA PRO A 102 13.85 -2.77 -12.27
C PRO A 102 12.53 -3.21 -11.67
N ARG A 103 12.14 -2.69 -10.50
CA ARG A 103 10.83 -3.02 -9.96
C ARG A 103 9.72 -2.56 -10.89
N ILE A 104 9.91 -1.40 -11.54
CA ILE A 104 8.87 -0.84 -12.41
C ILE A 104 8.83 -1.57 -13.75
N PHE A 105 9.98 -1.73 -14.39
CA PHE A 105 10.04 -2.13 -15.79
C PHE A 105 10.43 -3.58 -16.00
N ARG A 106 10.90 -4.27 -14.96
CA ARG A 106 11.26 -5.67 -15.11
C ARG A 106 11.22 -6.35 -13.75
N HIS A 107 10.05 -6.34 -13.12
CA HIS A 107 10.01 -6.69 -11.71
C HIS A 107 10.48 -8.12 -11.50
N PRO A 108 11.29 -8.40 -10.47
CA PRO A 108 11.82 -9.76 -10.26
C PRO A 108 10.75 -10.84 -10.09
N ALA A 109 9.53 -10.47 -9.74
CA ALA A 109 8.43 -11.45 -9.71
C ALA A 109 7.88 -11.60 -11.12
N GLY A 110 8.55 -12.43 -11.92
CA GLY A 110 8.10 -12.71 -13.27
C GLY A 110 8.73 -11.89 -14.39
N GLY A 111 9.63 -10.94 -14.07
CA GLY A 111 10.24 -10.12 -15.11
C GLY A 111 9.30 -9.17 -15.83
N VAL A 112 8.31 -8.65 -15.12
CA VAL A 112 7.19 -7.94 -15.74
C VAL A 112 7.52 -6.45 -15.91
N ASN A 113 7.22 -5.91 -17.09
CA ASN A 113 7.22 -4.46 -17.33
C ASN A 113 5.85 -3.93 -16.89
N GLN A 114 5.79 -3.47 -15.65
CA GLN A 114 4.50 -3.06 -15.09
C GLN A 114 4.03 -1.71 -15.63
N TRP A 115 4.94 -0.81 -15.96
CA TRP A 115 4.54 0.47 -16.55
C TRP A 115 3.75 0.24 -17.82
N GLU A 116 4.22 -0.68 -18.67
CA GLU A 116 3.51 -1.01 -19.90
C GLU A 116 2.11 -1.55 -19.61
N ASN A 117 1.99 -2.43 -18.62
CA ASN A 117 0.68 -3.02 -18.31
C ASN A 117 -0.26 -1.98 -17.72
N VAL A 118 0.28 -1.07 -16.91
CA VAL A 118 -0.51 0.05 -16.41
C VAL A 118 -1.05 0.89 -17.56
N VAL A 119 -0.17 1.22 -18.52
CA VAL A 119 -0.58 2.05 -19.66
C VAL A 119 -1.68 1.36 -20.47
N LYS A 120 -1.53 0.05 -20.71
CA LYS A 120 -2.53 -0.70 -21.45
C LYS A 120 -3.83 -0.84 -20.65
N THR A 121 -3.72 -1.14 -19.34
CA THR A 121 -4.91 -1.28 -18.51
C THR A 121 -5.77 -0.02 -18.58
N LEU A 122 -5.14 1.16 -18.44
CA LEU A 122 -5.86 2.43 -18.42
C LEU A 122 -6.34 2.85 -19.80
N THR A 123 -5.71 2.35 -20.86
CA THR A 123 -6.20 2.60 -22.21
C THR A 123 -7.45 1.78 -22.51
N ASP A 124 -7.46 0.50 -22.11
CA ASP A 124 -8.62 -0.33 -22.35
C ASP A 124 -9.79 0.01 -21.43
N ASP A 125 -9.50 0.45 -20.20
CA ASP A 125 -10.54 0.73 -19.22
C ASP A 125 -10.14 1.98 -18.44
N PRO A 126 -10.50 3.17 -18.95
CA PRO A 126 -10.05 4.40 -18.30
C PRO A 126 -10.46 4.53 -16.84
N ASP A 127 -11.55 3.91 -16.41
CA ASP A 127 -11.96 4.01 -15.02
C ASP A 127 -11.23 3.02 -14.10
N SER A 128 -10.27 2.26 -14.63
CA SER A 128 -9.73 1.10 -13.92
C SER A 128 -9.23 1.45 -12.53
N LYS A 129 -9.49 0.55 -11.58
CA LYS A 129 -8.93 0.58 -10.23
C LYS A 129 -7.70 -0.32 -10.11
N ARG A 130 -7.29 -0.97 -11.19
CA ARG A 130 -6.26 -2.00 -11.17
C ARG A 130 -4.88 -1.51 -11.59
N ALA A 131 -4.72 -0.24 -11.96
CA ALA A 131 -3.48 0.22 -12.59
C ALA A 131 -2.44 0.49 -11.51
N VAL A 132 -1.79 -0.58 -11.06
CA VAL A 132 -0.87 -0.54 -9.93
C VAL A 132 0.49 -1.04 -10.40
N ILE A 133 1.54 -0.34 -10.00
CA ILE A 133 2.92 -0.78 -10.17
C ILE A 133 3.42 -1.25 -8.80
N GLN A 134 3.65 -2.54 -8.66
CA GLN A 134 4.18 -3.08 -7.41
C GLN A 134 5.68 -2.89 -7.32
N ILE A 135 6.16 -2.46 -6.16
CA ILE A 135 7.59 -2.23 -5.94
C ILE A 135 8.18 -3.32 -5.02
N PHE A 136 7.71 -3.40 -3.78
CA PHE A 136 8.16 -4.41 -2.81
C PHE A 136 8.05 -5.82 -3.39
N ASP A 137 8.92 -6.73 -2.89
CA ASP A 137 8.86 -8.11 -3.34
C ASP A 137 8.90 -9.04 -2.13
N PRO A 138 8.10 -10.11 -2.12
CA PRO A 138 8.02 -10.97 -0.93
C PRO A 138 9.35 -11.59 -0.50
N ARG A 139 10.31 -11.75 -1.40
CA ARG A 139 11.55 -12.44 -1.06
C ARG A 139 12.57 -11.56 -0.33
N GLU A 140 12.33 -10.24 -0.25
CA GLU A 140 13.30 -9.37 0.39
C GLU A 140 13.45 -9.69 1.88
N LEU A 141 12.38 -10.13 2.54
CA LEU A 141 12.40 -10.52 3.95
C LEU A 141 12.91 -11.92 4.19
N ALA A 142 13.28 -12.67 3.14
CA ALA A 142 13.56 -14.08 3.35
C ALA A 142 14.97 -14.38 3.86
N VAL A 143 15.92 -13.47 3.66
CA VAL A 143 17.29 -13.63 4.13
C VAL A 143 17.59 -12.56 5.18
N ALA A 144 18.19 -12.98 6.28
CA ALA A 144 18.59 -12.07 7.35
C ALA A 144 19.72 -11.15 6.87
N ASP A 145 19.81 -9.98 7.53
CA ASP A 145 20.86 -8.99 7.29
C ASP A 145 20.86 -8.47 5.85
N ASN A 146 19.66 -8.24 5.32
CA ASN A 146 19.48 -7.54 4.06
C ASN A 146 19.64 -6.04 4.35
N ILE A 147 20.63 -5.38 3.75
CA ILE A 147 20.86 -3.98 4.08
C ILE A 147 20.04 -3.01 3.22
N ASP A 148 19.20 -3.52 2.31
CA ASP A 148 18.50 -2.64 1.36
C ASP A 148 17.20 -3.31 0.91
N VAL A 149 16.17 -3.18 1.76
CA VAL A 149 14.83 -3.71 1.50
C VAL A 149 13.94 -2.57 1.03
N ALA A 150 13.24 -2.76 -0.09
CA ALA A 150 12.40 -1.71 -0.64
C ALA A 150 11.40 -1.21 0.40
N CYS A 151 11.29 0.10 0.53
CA CYS A 151 10.33 0.69 1.44
C CYS A 151 9.06 1.18 0.75
N THR A 152 9.03 1.20 -0.58
CA THR A 152 7.80 1.52 -1.31
C THR A 152 7.05 0.23 -1.61
N LEU A 153 5.75 0.20 -1.30
CA LEU A 153 4.93 -0.97 -1.60
C LEU A 153 4.43 -0.96 -3.04
N ALA A 154 3.86 0.16 -3.48
CA ALA A 154 3.25 0.25 -4.80
C ALA A 154 2.95 1.70 -5.13
N LEU A 155 2.81 1.95 -6.43
CA LEU A 155 2.33 3.21 -6.98
C LEU A 155 1.09 2.91 -7.81
N GLN A 156 0.03 3.68 -7.61
CA GLN A 156 -1.21 3.47 -8.34
C GLN A 156 -1.53 4.72 -9.15
N PHE A 157 -2.08 4.51 -10.36
CA PHE A 157 -2.56 5.60 -11.19
C PHE A 157 -4.03 5.39 -11.52
N LEU A 158 -4.80 6.48 -11.50
CA LEU A 158 -6.22 6.45 -11.84
C LEU A 158 -6.54 7.66 -12.70
N ILE A 159 -7.28 7.44 -13.78
CA ILE A 159 -7.81 8.55 -14.58
C ILE A 159 -9.16 8.95 -14.00
N ARG A 160 -9.26 10.18 -13.52
CA ARG A 160 -10.50 10.69 -12.93
C ARG A 160 -10.78 12.07 -13.51
N ASP A 161 -11.91 12.18 -14.22
CA ASP A 161 -12.33 13.41 -14.91
C ASP A 161 -11.25 13.92 -15.85
N GLY A 162 -10.66 13.00 -16.62
CA GLY A 162 -9.66 13.34 -17.59
C GLY A 162 -8.28 13.61 -17.04
N LEU A 163 -8.08 13.48 -15.72
CA LEU A 163 -6.80 13.79 -15.09
C LEU A 163 -6.21 12.52 -14.49
N LEU A 164 -4.89 12.39 -14.59
CA LEU A 164 -4.20 11.23 -14.04
C LEU A 164 -3.84 11.53 -12.58
N CYS A 165 -4.48 10.82 -11.67
CA CYS A 165 -4.16 10.89 -10.24
C CYS A 165 -3.17 9.80 -9.88
N GLY A 166 -2.34 10.07 -8.88
CA GLY A 166 -1.33 9.13 -8.45
C GLY A 166 -1.41 8.91 -6.96
N ILE A 167 -1.08 7.68 -6.55
CA ILE A 167 -1.03 7.33 -5.13
C ILE A 167 0.22 6.50 -4.89
N GLY A 168 1.06 6.96 -3.95
CA GLY A 168 2.20 6.19 -3.49
C GLY A 168 1.96 5.57 -2.14
N TYR A 169 2.12 4.24 -2.05
CA TYR A 169 1.97 3.47 -0.83
C TYR A 169 3.34 3.03 -0.35
N MET A 170 3.75 3.44 0.85
CA MET A 170 5.04 3.04 1.39
C MET A 170 4.87 2.44 2.77
N ARG A 171 5.70 1.42 3.07
CA ARG A 171 5.74 0.85 4.41
C ARG A 171 6.49 1.75 5.38
N ALA A 172 7.39 2.59 4.87
CA ALA A 172 8.19 3.47 5.71
C ALA A 172 8.77 4.59 4.85
N ASN A 173 8.99 5.75 5.47
CA ASN A 173 9.50 6.90 4.74
C ASN A 173 10.27 7.78 5.71
N ASP A 174 11.51 8.10 5.35
CA ASP A 174 12.28 9.08 6.08
C ASP A 174 11.71 10.44 5.74
N ALA A 175 11.03 11.08 6.70
CA ALA A 175 10.29 12.30 6.44
C ALA A 175 11.20 13.49 6.19
N PHE A 176 12.47 13.43 6.58
CA PHE A 176 13.33 14.57 6.37
C PHE A 176 14.05 14.52 5.03
N ARG A 177 14.68 13.40 4.71
CA ARG A 177 15.47 13.25 3.50
C ARG A 177 14.74 12.46 2.40
N GLY A 178 14.42 11.19 2.65
CA GLY A 178 13.86 10.33 1.61
C GLY A 178 12.58 10.87 0.99
N ALA A 179 11.71 11.44 1.81
CA ALA A 179 10.43 11.96 1.32
C ALA A 179 10.62 13.02 0.25
N VAL A 180 11.67 13.83 0.35
CA VAL A 180 11.89 14.88 -0.63
C VAL A 180 12.11 14.27 -2.01
N SER A 181 12.99 13.27 -2.09
CA SER A 181 13.25 12.68 -3.40
C SER A 181 12.19 11.66 -3.80
N ASP A 182 11.57 10.96 -2.83
CA ASP A 182 10.51 10.01 -3.18
C ASP A 182 9.31 10.71 -3.80
N VAL A 183 8.82 11.78 -3.16
CA VAL A 183 7.67 12.50 -3.73
C VAL A 183 8.04 13.12 -5.06
N PHE A 184 9.26 13.65 -5.16
CA PHE A 184 9.71 14.17 -6.46
C PHE A 184 9.60 13.08 -7.52
N SER A 185 10.17 11.90 -7.25
CA SER A 185 10.22 10.87 -8.28
C SER A 185 8.83 10.32 -8.62
N PHE A 186 7.98 10.11 -7.60
CA PHE A 186 6.66 9.54 -7.86
C PHE A 186 5.79 10.52 -8.64
N THR A 187 5.79 11.81 -8.28
CA THR A 187 5.01 12.77 -9.06
C THR A 187 5.64 13.03 -10.42
N PHE A 188 6.96 12.84 -10.54
CA PHE A 188 7.59 12.88 -11.86
C PHE A 188 7.06 11.74 -12.74
N LEU A 189 7.03 10.52 -12.19
CA LEU A 189 6.48 9.39 -12.94
C LEU A 189 5.00 9.58 -13.24
N GLN A 190 4.25 10.12 -12.29
CA GLN A 190 2.85 10.46 -12.54
C GLN A 190 2.72 11.42 -13.71
N GLU A 191 3.47 12.53 -13.70
CA GLU A 191 3.37 13.50 -14.78
C GLU A 191 3.83 12.90 -16.11
N PHE A 192 4.97 12.21 -16.10
CA PHE A 192 5.48 11.54 -17.30
C PHE A 192 4.44 10.61 -17.88
N THR A 193 3.78 9.82 -17.04
CA THR A 193 2.75 8.91 -17.54
C THR A 193 1.53 9.66 -18.03
N ALA A 194 1.15 10.74 -17.34
CA ALA A 194 0.03 11.55 -17.80
C ALA A 194 0.30 12.13 -19.18
N ARG A 195 1.48 12.73 -19.39
CA ARG A 195 1.82 13.24 -20.71
C ARG A 195 1.73 12.15 -21.76
N TYR A 196 2.30 10.98 -21.46
CA TYR A 196 2.28 9.88 -22.42
C TYR A 196 0.85 9.51 -22.77
N LEU A 197 -0.06 9.56 -21.79
CA LEU A 197 -1.46 9.23 -22.02
C LEU A 197 -2.25 10.40 -22.60
N GLY A 198 -1.65 11.57 -22.72
CA GLY A 198 -2.37 12.72 -23.23
C GLY A 198 -3.39 13.28 -22.25
N LEU A 199 -3.10 13.23 -20.96
CA LEU A 199 -4.02 13.67 -19.93
C LEU A 199 -3.40 14.79 -19.11
N GLY A 200 -4.27 15.56 -18.44
CA GLY A 200 -3.84 16.48 -17.41
C GLY A 200 -3.46 15.77 -16.11
N ILE A 201 -2.97 16.56 -15.15
CA ILE A 201 -2.49 16.07 -13.85
C ILE A 201 -3.58 16.24 -12.81
N GLY A 202 -3.92 15.17 -12.12
CA GLY A 202 -4.80 15.21 -10.96
C GLY A 202 -4.02 15.34 -9.67
N THR A 203 -4.60 14.83 -8.60
CA THR A 203 -3.99 14.88 -7.28
C THR A 203 -2.94 13.79 -7.13
N TYR A 204 -2.08 13.95 -6.13
CA TYR A 204 -1.19 12.88 -5.68
C TYR A 204 -1.43 12.60 -4.20
N HIS A 205 -1.63 11.33 -3.85
CA HIS A 205 -1.73 10.88 -2.46
C HIS A 205 -0.49 10.10 -2.06
N HIS A 206 0.05 10.44 -0.89
CA HIS A 206 1.19 9.79 -0.29
C HIS A 206 0.70 9.15 1.01
N VAL A 207 0.87 7.84 1.17
CA VAL A 207 0.44 7.15 2.38
C VAL A 207 1.57 6.25 2.85
N VAL A 208 1.89 6.32 4.14
CA VAL A 208 3.12 5.73 4.68
C VAL A 208 2.83 5.04 6.01
N GLY A 209 3.29 3.80 6.14
CA GLY A 209 3.16 3.09 7.40
C GLY A 209 3.92 3.75 8.53
N SER A 210 5.24 3.84 8.41
CA SER A 210 6.09 4.51 9.40
C SER A 210 6.75 5.71 8.76
N VAL A 211 6.36 6.91 9.18
CA VAL A 211 7.03 8.13 8.74
C VAL A 211 7.87 8.64 9.92
N HIS A 212 9.13 8.98 9.65
CA HIS A 212 10.04 9.13 10.78
C HIS A 212 11.14 10.14 10.49
N ILE A 213 11.72 10.67 11.57
CA ILE A 213 12.91 11.52 11.52
C ILE A 213 13.99 10.85 12.36
N TYR A 214 15.13 10.55 11.73
CA TYR A 214 16.24 9.98 12.47
C TYR A 214 16.82 11.02 13.42
N ASP A 215 17.15 10.58 14.65
CA ASP A 215 17.79 11.47 15.62
C ASP A 215 19.03 12.12 15.05
N SER A 216 19.78 11.38 14.23
CA SER A 216 20.97 11.95 13.61
C SER A 216 20.68 13.10 12.64
N ASP A 217 19.43 13.26 12.20
CA ASP A 217 19.02 14.38 11.36
C ASP A 217 18.37 15.53 12.13
N ALA A 218 18.28 15.43 13.47
CA ALA A 218 17.47 16.38 14.22
C ALA A 218 17.98 17.81 14.09
N ARG A 219 19.29 18.00 14.17
CA ARG A 219 19.84 19.36 14.12
C ARG A 219 19.51 20.03 12.78
N TRP A 220 19.73 19.31 11.67
CA TRP A 220 19.36 19.84 10.36
C TRP A 220 17.85 20.07 10.25
N ALA A 221 17.04 19.12 10.74
CA ALA A 221 15.59 19.27 10.69
C ALA A 221 15.13 20.50 11.48
N GLU A 222 15.72 20.74 12.65
CA GLU A 222 15.42 21.96 13.40
C GLU A 222 15.76 23.21 12.61
N ARG A 223 16.92 23.20 11.95
CA ARG A 223 17.31 24.32 11.11
C ARG A 223 16.26 24.58 10.04
N VAL A 224 15.77 23.51 9.40
CA VAL A 224 14.77 23.67 8.36
C VAL A 224 13.47 24.21 8.96
N LEU A 225 13.06 23.71 10.12
CA LEU A 225 11.83 24.19 10.73
C LEU A 225 11.94 25.65 11.18
N ASP A 226 13.13 26.08 11.61
CA ASP A 226 13.31 27.47 12.04
C ASP A 226 13.23 28.44 10.86
N ALA A 227 13.51 27.97 9.65
CA ALA A 227 13.47 28.82 8.46
C ALA A 227 12.06 29.33 8.21
N PRO A 236 8.27 31.02 -7.30
CA PRO A 236 8.64 30.52 -8.63
C PRO A 236 8.21 29.07 -8.82
N GLY A 237 7.62 28.77 -9.97
CA GLY A 237 7.00 27.48 -10.20
C GLY A 237 7.91 26.46 -10.86
N PHE A 238 7.67 25.21 -10.52
CA PHE A 238 8.37 24.12 -11.20
C PHE A 238 7.81 23.99 -12.61
N PRO A 239 8.66 23.87 -13.63
CA PRO A 239 8.14 23.82 -15.01
C PRO A 239 7.46 22.50 -15.34
N ALA A 240 6.51 22.56 -16.26
CA ALA A 240 5.72 21.41 -16.69
C ALA A 240 6.44 20.65 -17.79
N MET A 241 6.37 19.32 -17.72
CA MET A 241 6.98 18.49 -18.75
C MET A 241 6.12 18.50 -20.00
N PRO A 242 6.73 18.41 -21.19
CA PRO A 242 5.96 18.59 -22.43
C PRO A 242 5.00 17.44 -22.70
N ASP A 243 3.95 17.76 -23.46
CA ASP A 243 2.90 16.80 -23.76
C ASP A 243 3.44 15.67 -24.63
N GLY A 244 2.74 14.53 -24.59
CA GLY A 244 3.07 13.41 -25.44
C GLY A 244 4.07 12.44 -24.83
N ASP A 245 4.59 11.59 -25.70
CA ASP A 245 5.52 10.53 -25.31
C ASP A 245 6.91 11.13 -25.13
N ASN A 246 7.38 11.19 -23.89
CA ASN A 246 8.70 11.74 -23.62
C ASN A 246 9.81 10.70 -23.64
N TRP A 247 9.50 9.43 -23.95
CA TRP A 247 10.55 8.41 -23.99
C TRP A 247 11.68 8.76 -24.94
N PRO A 248 11.45 9.21 -26.19
CA PRO A 248 12.59 9.56 -27.04
C PRO A 248 13.49 10.62 -26.43
N HIS A 249 12.92 11.63 -25.79
CA HIS A 249 13.73 12.66 -25.13
C HIS A 249 14.50 12.08 -23.95
N VAL A 250 13.83 11.23 -23.15
CA VAL A 250 14.50 10.60 -22.01
C VAL A 250 15.73 9.82 -22.48
N ARG A 251 15.60 9.10 -23.60
CA ARG A 251 16.74 8.33 -24.11
C ARG A 251 17.91 9.24 -24.46
N ARG A 252 17.64 10.37 -25.12
CA ARG A 252 18.72 11.29 -25.46
C ARG A 252 19.31 11.93 -24.21
N VAL A 253 18.47 12.28 -23.23
CA VAL A 253 18.98 12.83 -21.97
C VAL A 253 19.88 11.82 -21.26
N LEU A 254 19.50 10.54 -21.29
CA LEU A 254 20.32 9.52 -20.65
C LEU A 254 21.65 9.33 -21.37
N GLU A 255 21.69 9.56 -22.68
CA GLU A 255 22.98 9.52 -23.39
C GLU A 255 23.89 10.65 -22.91
N TRP A 256 23.34 11.87 -22.80
CA TRP A 256 24.13 12.99 -22.28
C TRP A 256 24.49 12.77 -20.81
N GLU A 257 23.59 12.16 -20.04
CA GLU A 257 23.87 11.95 -18.61
C GLU A 257 25.14 11.13 -18.43
N GLU A 258 25.30 10.06 -19.20
CA GLU A 258 26.47 9.21 -19.01
C GLU A 258 27.73 9.86 -19.56
N ARG A 259 27.62 10.57 -20.68
CA ARG A 259 28.77 11.27 -21.26
C ARG A 259 29.27 12.37 -20.33
N LEU A 260 28.35 13.08 -19.67
CA LEU A 260 28.75 14.17 -18.78
C LEU A 260 29.26 13.62 -17.46
N ARG A 261 28.62 12.56 -16.94
CA ARG A 261 29.02 12.03 -15.64
C ARG A 261 30.44 11.47 -15.67
N THR A 262 30.83 10.82 -16.76
CA THR A 262 32.18 10.28 -16.91
C THR A 262 33.16 11.31 -17.45
N ASN A 263 32.71 12.56 -17.61
CA ASN A 263 33.55 13.65 -18.13
C ASN A 263 34.10 13.33 -19.51
N ALA A 264 33.35 12.57 -20.31
CA ALA A 264 33.77 12.28 -21.67
C ALA A 264 33.33 13.35 -22.67
N ALA A 265 32.51 14.30 -22.22
CA ALA A 265 32.14 15.44 -23.05
C ALA A 265 31.75 16.57 -22.10
N ARG A 266 31.58 17.76 -22.67
CA ARG A 266 31.09 18.89 -21.90
C ARG A 266 30.36 19.82 -22.85
N LEU A 267 29.39 20.55 -22.33
CA LEU A 267 28.48 21.32 -23.15
C LEU A 267 28.53 22.77 -22.73
N SER A 268 28.88 23.64 -23.67
CA SER A 268 28.82 25.07 -23.45
C SER A 268 27.36 25.53 -23.46
N ALA A 269 27.15 26.78 -23.03
CA ALA A 269 25.82 27.36 -23.07
C ALA A 269 25.23 27.29 -24.48
N ASP A 270 26.05 27.55 -25.51
CA ASP A 270 25.56 27.48 -26.88
C ASP A 270 25.31 26.05 -27.32
N ALA A 271 26.18 25.11 -26.92
CA ALA A 271 25.95 23.70 -27.24
C ALA A 271 24.66 23.19 -26.61
N LEU A 272 24.36 23.62 -25.38
CA LEU A 272 23.13 23.19 -24.73
C LEU A 272 21.89 23.70 -25.47
N ASP A 273 21.92 24.97 -25.90
CA ASP A 273 20.78 25.52 -26.64
C ASP A 273 20.59 24.84 -27.98
N ALA A 274 21.64 24.26 -28.54
CA ALA A 274 21.58 23.61 -29.84
C ALA A 274 21.22 22.13 -29.75
N LEU A 275 21.00 21.61 -28.54
CA LEU A 275 20.60 20.22 -28.39
C LEU A 275 19.27 20.01 -29.10
N ASP A 276 19.12 18.84 -29.71
CA ASP A 276 17.88 18.48 -30.39
C ASP A 276 16.93 17.87 -29.35
N LEU A 277 16.41 18.76 -28.50
CA LEU A 277 15.52 18.38 -27.40
C LEU A 277 14.54 19.50 -27.11
N PRO A 278 13.36 19.19 -26.59
CA PRO A 278 12.49 20.24 -26.07
C PRO A 278 13.18 21.01 -24.95
N ALA A 279 12.80 22.28 -24.80
CA ALA A 279 13.45 23.16 -23.82
C ALA A 279 13.47 22.54 -22.43
N TYR A 280 12.37 21.89 -22.02
CA TYR A 280 12.30 21.29 -20.69
C TYR A 280 13.47 20.34 -20.46
N TRP A 281 13.75 19.49 -21.44
CA TRP A 281 14.81 18.49 -21.33
C TRP A 281 16.18 19.09 -21.56
N LYS A 282 16.28 20.17 -22.34
CA LYS A 282 17.55 20.89 -22.43
C LYS A 282 18.00 21.35 -21.05
N HIS A 283 17.07 21.89 -20.26
CA HIS A 283 17.38 22.35 -18.90
C HIS A 283 17.87 21.20 -18.03
N VAL A 284 17.32 20.00 -18.21
CA VAL A 284 17.78 18.86 -17.41
C VAL A 284 19.21 18.50 -17.78
N VAL A 285 19.52 18.49 -19.08
CA VAL A 285 20.89 18.23 -19.52
C VAL A 285 21.84 19.32 -19.00
N ALA A 286 21.36 20.58 -18.98
CA ALA A 286 22.18 21.67 -18.45
C ALA A 286 22.50 21.45 -16.97
N LEU A 287 21.54 20.89 -16.21
CA LEU A 287 21.80 20.59 -14.80
C LEU A 287 22.90 19.54 -14.66
N PHE A 288 22.91 18.55 -15.56
CA PHE A 288 23.97 17.55 -15.55
C PHE A 288 25.32 18.17 -15.92
N GLU A 289 25.33 19.12 -16.88
CA GLU A 289 26.58 19.82 -17.19
C GLU A 289 27.07 20.66 -16.01
N ALA A 290 26.16 21.39 -15.35
CA ALA A 290 26.54 22.13 -14.14
C ALA A 290 27.11 21.18 -13.09
N HIS A 291 26.47 20.02 -12.91
CA HIS A 291 26.96 19.05 -11.95
C HIS A 291 28.33 18.51 -12.37
N ARG A 292 28.55 18.35 -13.68
CA ARG A 292 29.86 17.93 -14.17
C ARG A 292 30.95 18.96 -13.87
N GLN A 293 30.58 20.25 -13.93
CA GLN A 293 31.53 21.30 -13.55
C GLN A 293 31.94 21.15 -12.09
N VAL A 294 30.98 20.86 -11.23
CA VAL A 294 31.26 20.67 -9.81
C VAL A 294 32.15 19.45 -9.62
N ARG A 295 31.71 18.30 -10.13
CA ARG A 295 32.33 17.02 -9.80
C ARG A 295 33.72 16.90 -10.40
N HIS A 296 33.92 17.41 -11.61
CA HIS A 296 35.21 17.27 -12.29
C HIS A 296 36.03 18.55 -12.24
N GLU A 297 35.63 19.52 -11.42
CA GLU A 297 36.39 20.75 -11.17
C GLU A 297 36.66 21.54 -12.46
N ASP A 298 35.59 21.83 -13.18
CA ASP A 298 35.65 22.71 -14.34
C ASP A 298 35.01 24.05 -14.01
N THR A 299 35.27 25.03 -14.87
CA THR A 299 34.84 26.41 -14.65
C THR A 299 33.33 26.53 -14.56
N PRO A 300 32.78 27.08 -13.46
CA PRO A 300 31.34 27.30 -13.42
C PRO A 300 30.93 28.25 -14.54
N ASP A 301 29.86 27.89 -15.24
CA ASP A 301 29.43 28.61 -16.42
C ASP A 301 28.29 29.54 -16.04
N ARG A 302 28.57 30.85 -16.04
CA ARG A 302 27.56 31.83 -15.70
C ARG A 302 26.42 31.84 -16.73
N ALA A 303 26.72 31.59 -18.00
CA ALA A 303 25.68 31.66 -19.02
C ALA A 303 24.73 30.48 -18.92
N LEU A 304 25.27 29.29 -18.64
CA LEU A 304 24.40 28.14 -18.38
C LEU A 304 23.39 28.47 -17.29
N LEU A 305 23.88 29.01 -16.18
CA LEU A 305 23.02 29.23 -15.02
C LEU A 305 21.89 30.21 -15.34
N ALA A 306 22.18 31.27 -16.10
CA ALA A 306 21.20 32.33 -16.36
C ALA A 306 20.04 31.84 -17.22
N ALA A 307 20.27 30.81 -18.04
CA ALA A 307 19.24 30.30 -18.94
C ALA A 307 18.32 29.26 -18.28
N LEU A 308 18.58 28.86 -17.02
CA LEU A 308 17.76 27.83 -16.38
C LEU A 308 16.49 28.44 -15.78
N PRO A 309 15.43 27.64 -15.62
CA PRO A 309 14.28 28.09 -14.83
C PRO A 309 14.74 28.54 -13.46
N GLU A 310 14.03 29.52 -12.90
CA GLU A 310 14.46 30.14 -11.64
C GLU A 310 14.49 29.11 -10.51
N VAL A 311 13.57 28.15 -10.52
CA VAL A 311 13.58 27.08 -9.51
C VAL A 311 14.93 26.36 -9.53
N TYR A 312 15.44 26.06 -10.72
CA TYR A 312 16.71 25.33 -10.79
C TYR A 312 17.89 26.20 -10.42
N ARG A 313 17.88 27.49 -10.80
CA ARG A 313 18.99 28.35 -10.41
C ARG A 313 19.09 28.46 -8.89
N GLN A 314 17.95 28.63 -8.23
CA GLN A 314 17.96 28.76 -6.77
C GLN A 314 18.51 27.50 -6.11
N SER A 315 18.06 26.32 -6.57
CA SER A 315 18.59 25.07 -6.04
C SER A 315 20.11 24.99 -6.20
N LEU A 316 20.60 25.32 -7.40
CA LEU A 316 22.04 25.26 -7.66
C LEU A 316 22.79 26.29 -6.83
N ALA A 317 22.23 27.50 -6.73
CA ALA A 317 22.91 28.57 -5.99
C ALA A 317 23.04 28.23 -4.50
N VAL A 318 22.02 27.58 -3.94
CA VAL A 318 22.08 27.25 -2.51
C VAL A 318 22.91 25.99 -2.26
N LYS A 319 22.84 25.02 -3.16
CA LYS A 319 23.54 23.75 -2.93
C LYS A 319 25.05 23.91 -3.11
N TRP A 320 25.47 24.64 -4.15
CA TRP A 320 26.89 24.84 -4.45
C TRP A 320 27.14 26.34 -4.54
N PRO A 321 27.08 27.04 -3.40
CA PRO A 321 27.17 28.52 -3.45
C PRO A 321 28.49 29.02 -4.00
N GLY A 322 29.58 28.26 -3.85
CA GLY A 322 30.84 28.67 -4.42
C GLY A 322 30.86 28.63 -5.93
N HIS A 323 30.05 27.78 -6.54
CA HIS A 323 30.00 27.64 -7.99
C HIS A 323 28.92 28.51 -8.62
N PHE A 324 27.72 28.55 -8.02
CA PHE A 324 26.57 29.16 -8.67
C PHE A 324 25.86 30.21 -7.82
N GLY A 325 26.45 30.67 -6.73
CA GLY A 325 25.77 31.57 -5.82
C GLY A 325 25.97 33.06 -6.07
N THR B 1 -10.39 8.57 13.16
CA THR B 1 -10.23 7.63 14.28
C THR B 1 -11.55 7.18 14.88
N PHE B 2 -11.73 5.88 15.03
CA PHE B 2 -12.94 5.33 15.58
C PHE B 2 -12.61 4.29 16.64
N GLY B 3 -13.53 4.11 17.59
CA GLY B 3 -13.35 3.07 18.59
C GLY B 3 -13.49 1.68 17.99
N THR B 4 -14.59 1.41 17.31
CA THR B 4 -14.89 0.11 16.74
C THR B 4 -15.09 0.22 15.24
N PHE B 5 -15.04 -0.93 14.56
CA PHE B 5 -15.19 -0.92 13.11
C PHE B 5 -16.57 -0.45 12.70
N GLN B 6 -17.61 -0.80 13.46
CA GLN B 6 -18.95 -0.43 13.01
C GLN B 6 -19.08 1.09 12.88
N ASP B 7 -18.48 1.85 13.80
CA ASP B 7 -18.54 3.31 13.67
C ASP B 7 -17.84 3.77 12.39
N ALA B 8 -16.64 3.24 12.14
CA ALA B 8 -15.91 3.56 10.93
C ALA B 8 -16.70 3.18 9.69
N TYR B 9 -17.28 1.97 9.69
CA TYR B 9 -17.99 1.46 8.53
C TYR B 9 -19.18 2.33 8.16
N LEU B 10 -20.00 2.68 9.15
CA LEU B 10 -21.19 3.48 8.89
C LEU B 10 -20.82 4.90 8.48
N SER B 11 -19.82 5.47 9.13
CA SER B 11 -19.34 6.80 8.74
C SER B 11 -18.83 6.80 7.29
N GLN B 12 -17.99 5.81 6.93
CA GLN B 12 -17.49 5.76 5.57
C GLN B 12 -18.60 5.51 4.57
N LEU B 13 -19.52 4.60 4.89
CA LEU B 13 -20.63 4.31 3.99
C LEU B 13 -21.44 5.57 3.72
N ARG B 14 -21.68 6.36 4.76
CA ARG B 14 -22.40 7.62 4.60
C ARG B 14 -21.61 8.60 3.74
N ASP B 15 -20.28 8.70 3.96
CA ASP B 15 -19.43 9.58 3.15
C ASP B 15 -19.55 9.26 1.66
N ILE B 16 -19.39 7.98 1.30
CA ILE B 16 -19.41 7.63 -0.11
C ILE B 16 -20.81 7.75 -0.67
N TYR B 17 -21.81 7.41 0.14
CA TYR B 17 -23.17 7.42 -0.37
C TYR B 17 -23.64 8.84 -0.66
N HIS B 18 -23.41 9.77 0.27
CA HIS B 18 -23.96 11.11 0.15
C HIS B 18 -23.01 12.13 -0.43
N SER B 19 -21.70 11.92 -0.31
CA SER B 19 -20.70 12.86 -0.83
C SER B 19 -19.65 12.14 -1.66
N PRO B 20 -20.05 11.43 -2.71
CA PRO B 20 -19.04 10.80 -3.57
C PRO B 20 -18.23 11.86 -4.29
N GLU B 21 -16.94 11.58 -4.46
CA GLU B 21 -16.09 12.44 -5.28
C GLU B 21 -16.34 12.18 -6.75
N PHE B 22 -16.57 10.92 -7.11
CA PHE B 22 -16.69 10.55 -8.51
C PHE B 22 -17.80 9.53 -8.66
N ARG B 23 -18.39 9.51 -9.84
CA ARG B 23 -19.24 8.42 -10.29
C ARG B 23 -18.71 7.96 -11.63
N ASN B 24 -18.45 6.66 -11.74
CA ASN B 24 -17.79 6.08 -12.90
C ASN B 24 -18.17 4.60 -12.96
N ALA B 25 -17.53 3.86 -13.86
CA ALA B 25 -17.89 2.45 -14.08
C ALA B 25 -16.67 1.65 -14.48
N PRO B 26 -15.77 1.39 -13.53
CA PRO B 26 -14.64 0.51 -13.81
C PRO B 26 -15.13 -0.87 -14.25
N ARG B 27 -14.53 -1.40 -15.31
CA ARG B 27 -14.95 -2.67 -15.91
C ARG B 27 -16.46 -2.72 -16.11
N GLY B 28 -17.07 -1.57 -16.38
CA GLY B 28 -18.49 -1.46 -16.64
C GLY B 28 -19.40 -1.47 -15.43
N GLN B 29 -18.86 -1.37 -14.21
CA GLN B 29 -19.66 -1.48 -12.99
C GLN B 29 -19.88 -0.08 -12.39
N ALA B 30 -21.08 0.45 -12.59
CA ALA B 30 -21.41 1.81 -12.15
C ALA B 30 -21.28 1.94 -10.64
N SER B 31 -20.61 3.00 -10.20
CA SER B 31 -20.20 3.12 -8.79
C SER B 31 -20.18 4.59 -8.36
N ARG B 32 -20.40 4.81 -7.07
CA ARG B 32 -20.02 6.04 -6.37
C ARG B 32 -18.66 5.80 -5.73
N GLU B 33 -17.80 6.82 -5.71
CA GLU B 33 -16.41 6.54 -5.34
C GLU B 33 -15.78 7.74 -4.63
N ARG B 34 -14.91 7.44 -3.66
CA ARG B 34 -13.97 8.41 -3.13
C ARG B 34 -12.57 7.83 -3.23
N ILE B 35 -11.59 8.72 -3.40
CA ILE B 35 -10.21 8.33 -3.69
C ILE B 35 -9.35 8.64 -2.48
N GLY B 36 -8.50 7.68 -2.09
CA GLY B 36 -7.55 7.87 -1.02
C GLY B 36 -8.21 8.03 0.34
N ALA B 37 -8.92 7.00 0.81
CA ALA B 37 -9.72 7.09 2.01
C ALA B 37 -9.33 6.00 2.99
N GLY B 38 -9.44 6.31 4.28
CA GLY B 38 -9.11 5.31 5.28
C GLY B 38 -9.59 5.72 6.64
N PHE B 39 -9.23 4.90 7.63
CA PHE B 39 -9.64 5.13 9.01
C PHE B 39 -8.70 4.36 9.91
N ARG B 40 -8.74 4.69 11.20
CA ARG B 40 -8.02 3.99 12.25
C ARG B 40 -9.04 3.44 13.24
N LEU B 41 -8.80 2.20 13.69
CA LEU B 41 -9.60 1.57 14.72
C LEU B 41 -8.77 1.42 15.99
N LEU B 42 -9.25 1.97 17.09
CA LEU B 42 -8.53 1.85 18.35
C LEU B 42 -8.70 0.47 18.97
N ASP B 43 -9.82 -0.19 18.74
CA ASP B 43 -10.09 -1.53 19.30
C ASP B 43 -10.44 -2.45 18.13
N PRO B 44 -9.44 -2.96 17.43
CA PRO B 44 -9.71 -3.81 16.26
C PRO B 44 -10.40 -5.14 16.57
N VAL B 45 -10.38 -5.61 17.81
CA VAL B 45 -11.08 -6.88 18.07
C VAL B 45 -12.57 -6.71 17.92
N GLN B 46 -13.09 -5.49 18.08
CA GLN B 46 -14.51 -5.21 17.91
C GLN B 46 -14.77 -4.99 16.42
N ARG B 47 -14.69 -6.09 15.67
CA ARG B 47 -14.56 -6.03 14.23
C ARG B 47 -15.86 -6.32 13.47
N HIS B 48 -16.98 -6.45 14.17
CA HIS B 48 -18.22 -6.98 13.62
C HIS B 48 -19.21 -5.85 13.33
N ILE B 49 -20.11 -6.11 12.38
CA ILE B 49 -21.23 -5.22 12.07
C ILE B 49 -22.50 -5.85 12.59
N SER B 50 -23.19 -5.18 13.51
CA SER B 50 -24.39 -5.76 14.09
C SER B 50 -25.68 -5.06 13.68
N VAL B 51 -25.61 -4.04 12.83
CA VAL B 51 -26.84 -3.38 12.34
C VAL B 51 -27.72 -4.43 11.68
N PRO B 52 -28.92 -4.70 12.22
CA PRO B 52 -29.72 -5.81 11.69
C PRO B 52 -30.02 -5.71 10.19
N ALA B 53 -30.27 -4.51 9.68
CA ALA B 53 -30.53 -4.33 8.25
C ALA B 53 -29.36 -4.76 7.37
N ARG B 54 -28.13 -4.78 7.91
CA ARG B 54 -26.98 -5.20 7.10
C ARG B 54 -26.95 -6.72 6.90
N ARG B 55 -27.57 -7.49 7.80
CA ARG B 55 -27.53 -8.96 7.74
C ARG B 55 -26.09 -9.47 7.60
N ALA B 56 -25.16 -8.86 8.36
CA ALA B 56 -23.79 -9.33 8.39
C ALA B 56 -23.74 -10.80 8.79
N ASN B 57 -22.87 -11.57 8.11
CA ASN B 57 -22.85 -13.03 8.22
C ASN B 57 -21.57 -13.42 8.94
N VAL B 58 -21.67 -13.68 10.26
CA VAL B 58 -20.47 -13.97 11.04
C VAL B 58 -19.89 -15.33 10.68
N VAL B 59 -20.69 -16.25 10.15
CA VAL B 59 -20.16 -17.53 9.71
C VAL B 59 -19.22 -17.33 8.53
N PHE B 60 -19.65 -16.55 7.52
CA PHE B 60 -18.75 -16.24 6.41
C PHE B 60 -17.50 -15.53 6.91
N ASN B 61 -17.66 -14.60 7.85
CA ASN B 61 -16.51 -13.83 8.33
C ASN B 61 -15.42 -14.75 8.87
N PHE B 62 -15.80 -15.68 9.76
CA PHE B 62 -14.82 -16.63 10.28
C PHE B 62 -14.33 -17.58 9.18
N ALA B 63 -15.23 -18.01 8.29
CA ALA B 63 -14.82 -18.91 7.22
C ALA B 63 -13.74 -18.28 6.34
N GLU B 64 -13.95 -17.02 5.93
CA GLU B 64 -12.97 -16.37 5.08
C GLU B 64 -11.63 -16.22 5.80
N ALA B 65 -11.67 -15.82 7.06
CA ALA B 65 -10.43 -15.65 7.80
C ALA B 65 -9.71 -16.98 7.97
N LEU B 66 -10.46 -18.06 8.21
CA LEU B 66 -9.85 -19.38 8.38
C LEU B 66 -9.42 -19.97 7.03
N TRP B 67 -10.17 -19.69 5.97
CA TRP B 67 -9.72 -20.02 4.63
C TRP B 67 -8.34 -19.45 4.34
N TYR B 68 -8.11 -18.18 4.73
CA TYR B 68 -6.79 -17.58 4.59
C TYR B 68 -5.74 -18.35 5.40
N LEU B 69 -6.02 -18.61 6.68
CA LEU B 69 -5.03 -19.27 7.52
C LEU B 69 -4.68 -20.65 6.98
N SER B 70 -5.62 -21.29 6.30
CA SER B 70 -5.35 -22.60 5.72
C SER B 70 -4.43 -22.54 4.51
N GLY B 71 -4.16 -21.35 3.97
CA GLY B 71 -3.34 -21.23 2.77
C GLY B 71 -3.99 -21.72 1.50
N SER B 72 -5.31 -21.91 1.50
CA SER B 72 -5.99 -22.55 0.37
C SER B 72 -6.45 -21.54 -0.67
N ASP B 73 -6.45 -21.98 -1.94
CA ASP B 73 -7.05 -21.21 -3.02
C ASP B 73 -8.34 -21.85 -3.52
N ARG B 74 -8.88 -22.83 -2.79
CA ARG B 74 -9.95 -23.69 -3.28
C ARG B 74 -11.30 -22.99 -3.23
N LEU B 75 -12.04 -23.08 -4.34
CA LEU B 75 -13.33 -22.43 -4.41
C LEU B 75 -14.39 -23.19 -3.61
N ASP B 76 -14.31 -24.53 -3.58
CA ASP B 76 -15.37 -25.30 -2.93
C ASP B 76 -15.50 -24.92 -1.45
N PHE B 77 -14.39 -24.66 -0.79
CA PHE B 77 -14.38 -24.22 0.61
C PHE B 77 -15.20 -22.94 0.78
N ILE B 78 -14.81 -21.87 0.07
CA ILE B 78 -15.33 -20.54 0.38
C ILE B 78 -16.69 -20.27 -0.28
N GLN B 79 -16.97 -20.83 -1.47
CA GLN B 79 -18.28 -20.60 -2.10
C GLN B 79 -19.41 -21.25 -1.32
N TYR B 80 -19.09 -22.25 -0.50
CA TYR B 80 -20.08 -22.83 0.39
C TYR B 80 -20.66 -21.79 1.34
N TYR B 81 -19.86 -20.81 1.77
CA TYR B 81 -20.33 -19.74 2.65
C TYR B 81 -20.81 -18.50 1.89
N ALA B 82 -20.37 -18.33 0.65
CA ALA B 82 -20.72 -17.16 -0.16
C ALA B 82 -20.86 -17.62 -1.59
N PRO B 83 -22.05 -18.09 -1.98
CA PRO B 83 -22.21 -18.68 -3.32
C PRO B 83 -21.79 -17.74 -4.44
N GLY B 84 -22.03 -16.44 -4.28
CA GLY B 84 -21.70 -15.51 -5.34
C GLY B 84 -20.23 -15.36 -5.62
N ILE B 85 -19.36 -15.86 -4.73
CA ILE B 85 -17.92 -15.75 -4.94
C ILE B 85 -17.48 -16.56 -6.17
N ALA B 86 -18.32 -17.50 -6.62
CA ALA B 86 -18.00 -18.29 -7.80
C ALA B 86 -17.89 -17.45 -9.05
N ALA B 87 -18.49 -16.25 -9.06
CA ALA B 87 -18.38 -15.37 -10.21
C ALA B 87 -16.93 -14.93 -10.46
N TYR B 88 -16.04 -15.10 -9.49
CA TYR B 88 -14.66 -14.69 -9.66
C TYR B 88 -13.71 -15.86 -9.93
N SER B 89 -14.24 -17.07 -10.13
CA SER B 89 -13.42 -18.23 -10.43
C SER B 89 -13.46 -18.51 -11.93
N ALA B 90 -12.31 -18.40 -12.59
CA ALA B 90 -12.24 -18.66 -14.02
C ALA B 90 -12.27 -20.15 -14.33
N ASP B 91 -11.81 -21.01 -13.40
CA ASP B 91 -11.70 -22.44 -13.64
C ASP B 91 -12.74 -23.26 -12.88
N GLY B 92 -13.63 -22.64 -12.11
CA GLY B 92 -14.60 -23.38 -11.32
C GLY B 92 -14.02 -24.21 -10.19
N ARG B 93 -12.77 -23.96 -9.82
CA ARG B 93 -12.07 -24.74 -8.78
C ARG B 93 -11.29 -23.88 -7.82
N THR B 94 -10.68 -22.80 -8.30
CA THR B 94 -9.79 -21.98 -7.51
C THR B 94 -10.19 -20.53 -7.69
N LEU B 95 -9.74 -19.71 -6.74
CA LEU B 95 -9.74 -18.26 -6.84
C LEU B 95 -8.30 -17.79 -6.97
N ARG B 96 -8.13 -16.61 -7.59
CA ARG B 96 -6.81 -16.03 -7.84
C ARG B 96 -6.62 -14.86 -6.89
N GLY B 97 -6.88 -13.62 -7.32
CA GLY B 97 -6.68 -12.45 -6.47
C GLY B 97 -7.54 -12.43 -5.22
N THR B 98 -8.64 -13.17 -5.21
CA THR B 98 -9.48 -13.26 -4.01
C THR B 98 -8.86 -14.15 -2.96
N ALA B 99 -7.99 -15.09 -3.37
CA ALA B 99 -7.44 -16.08 -2.44
C ALA B 99 -6.18 -15.53 -1.77
N TYR B 100 -6.36 -14.85 -0.64
CA TYR B 100 -5.19 -14.30 0.06
C TYR B 100 -4.38 -15.36 0.77
N GLY B 101 -4.96 -16.53 1.02
CA GLY B 101 -4.26 -17.59 1.72
C GLY B 101 -2.90 -17.91 1.12
N PRO B 102 -2.89 -18.27 -0.16
CA PRO B 102 -1.58 -18.56 -0.78
C PRO B 102 -0.69 -17.36 -0.89
N ARG B 103 -1.25 -16.15 -1.05
CA ARG B 103 -0.42 -14.95 -1.06
C ARG B 103 0.32 -14.79 0.26
N ILE B 104 -0.33 -15.13 1.38
CA ILE B 104 0.28 -14.94 2.71
C ILE B 104 1.36 -16.00 2.95
N PHE B 105 1.02 -17.27 2.72
CA PHE B 105 1.84 -18.38 3.19
C PHE B 105 2.67 -19.06 2.11
N ARG B 106 2.40 -18.82 0.83
CA ARG B 106 3.27 -19.36 -0.21
C ARG B 106 3.13 -18.50 -1.45
N HIS B 107 3.62 -17.27 -1.34
CA HIS B 107 3.31 -16.24 -2.33
C HIS B 107 3.85 -16.65 -3.70
N PRO B 108 3.14 -16.33 -4.79
CA PRO B 108 3.61 -16.75 -6.12
C PRO B 108 5.03 -16.31 -6.43
N ALA B 109 5.49 -15.26 -5.77
CA ALA B 109 6.88 -14.82 -5.93
C ALA B 109 7.77 -15.63 -5.01
N GLY B 110 8.21 -16.80 -5.49
CA GLY B 110 9.16 -17.63 -4.77
C GLY B 110 8.57 -18.66 -3.83
N GLY B 111 7.25 -18.71 -3.68
CA GLY B 111 6.65 -19.62 -2.73
C GLY B 111 6.92 -19.28 -1.28
N VAL B 112 7.07 -18.01 -0.97
CA VAL B 112 7.54 -17.57 0.35
C VAL B 112 6.41 -17.63 1.36
N ASN B 113 6.70 -18.15 2.55
CA ASN B 113 5.79 -18.03 3.70
C ASN B 113 6.09 -16.71 4.39
N GLN B 114 5.31 -15.68 4.05
CA GLN B 114 5.58 -14.34 4.54
C GLN B 114 5.21 -14.16 6.00
N TRP B 115 4.17 -14.87 6.46
CA TRP B 115 3.80 -14.80 7.87
C TRP B 115 4.97 -15.25 8.75
N GLU B 116 5.64 -16.35 8.38
CA GLU B 116 6.80 -16.78 9.16
C GLU B 116 7.90 -15.73 9.14
N ASN B 117 8.13 -15.12 7.97
CA ASN B 117 9.19 -14.13 7.87
C ASN B 117 8.85 -12.88 8.66
N VAL B 118 7.59 -12.47 8.67
CA VAL B 118 7.18 -11.34 9.49
C VAL B 118 7.39 -11.63 10.97
N VAL B 119 6.97 -12.82 11.42
CA VAL B 119 7.14 -13.20 12.82
C VAL B 119 8.62 -13.24 13.18
N LYS B 120 9.46 -13.80 12.31
CA LYS B 120 10.89 -13.83 12.58
C LYS B 120 11.49 -12.43 12.52
N THR B 121 11.08 -11.60 11.56
CA THR B 121 11.55 -10.23 11.48
C THR B 121 11.28 -9.48 12.78
N LEU B 122 10.06 -9.60 13.30
CA LEU B 122 9.69 -8.87 14.50
C LEU B 122 10.31 -9.48 15.76
N THR B 123 10.68 -10.76 15.73
CA THR B 123 11.39 -11.35 16.86
C THR B 123 12.82 -10.85 16.94
N ASP B 124 13.52 -10.77 15.79
CA ASP B 124 14.89 -10.26 15.80
C ASP B 124 14.94 -8.76 16.02
N ASP B 125 13.97 -8.01 15.51
CA ASP B 125 13.99 -6.55 15.61
C ASP B 125 12.60 -6.07 15.91
N PRO B 126 12.25 -5.97 17.21
CA PRO B 126 10.86 -5.63 17.56
C PRO B 126 10.38 -4.29 17.01
N ASP B 127 11.27 -3.33 16.78
CA ASP B 127 10.89 -2.03 16.25
C ASP B 127 10.75 -2.01 14.73
N SER B 128 10.87 -3.17 14.08
CA SER B 128 11.05 -3.22 12.63
C SER B 128 9.96 -2.47 11.87
N LYS B 129 10.38 -1.79 10.81
CA LYS B 129 9.50 -1.18 9.82
C LYS B 129 9.29 -2.06 8.59
N ARG B 130 9.90 -3.25 8.56
CA ARG B 130 9.95 -4.12 7.39
C ARG B 130 8.94 -5.26 7.44
N ALA B 131 8.14 -5.36 8.50
CA ALA B 131 7.31 -6.55 8.71
C ALA B 131 6.04 -6.47 7.86
N VAL B 132 6.20 -6.80 6.58
CA VAL B 132 5.15 -6.61 5.58
C VAL B 132 4.82 -7.94 4.92
N ILE B 133 3.53 -8.21 4.75
CA ILE B 133 3.04 -9.33 3.96
C ILE B 133 2.53 -8.78 2.63
N GLN B 134 3.24 -9.07 1.55
CA GLN B 134 2.81 -8.63 0.23
C GLN B 134 1.72 -9.56 -0.32
N ILE B 135 0.64 -8.96 -0.84
CA ILE B 135 -0.50 -9.71 -1.36
C ILE B 135 -0.52 -9.69 -2.90
N PHE B 136 -0.64 -8.49 -3.48
CA PHE B 136 -0.66 -8.25 -4.91
C PHE B 136 0.57 -8.86 -5.59
N ASP B 137 0.43 -9.22 -6.87
CA ASP B 137 1.57 -9.75 -7.63
C ASP B 137 1.66 -9.10 -9.01
N PRO B 138 2.87 -8.81 -9.48
CA PRO B 138 3.03 -8.11 -10.78
C PRO B 138 2.46 -8.84 -11.97
N ARG B 139 2.31 -10.16 -11.91
CA ARG B 139 1.84 -10.88 -13.10
C ARG B 139 0.33 -10.81 -13.29
N GLU B 140 -0.40 -10.32 -12.29
CA GLU B 140 -1.85 -10.33 -12.38
C GLU B 140 -2.37 -9.45 -13.50
N LEU B 141 -1.70 -8.32 -13.77
CA LEU B 141 -2.16 -7.44 -14.84
C LEU B 141 -1.77 -7.96 -16.21
N ALA B 142 -0.93 -8.99 -16.28
CA ALA B 142 -0.51 -9.57 -17.55
C ALA B 142 -1.47 -10.64 -18.03
N VAL B 143 -2.36 -11.12 -17.16
CA VAL B 143 -3.37 -12.09 -17.57
C VAL B 143 -4.45 -11.35 -18.34
N ALA B 144 -4.73 -11.81 -19.55
CA ALA B 144 -5.77 -11.16 -20.33
C ALA B 144 -7.14 -11.45 -19.72
N ASP B 145 -8.00 -10.43 -19.68
CA ASP B 145 -9.38 -10.61 -19.23
C ASP B 145 -9.41 -11.29 -17.87
N ASN B 146 -8.53 -10.83 -16.98
CA ASN B 146 -8.46 -11.39 -15.64
C ASN B 146 -9.67 -10.96 -14.84
N ILE B 147 -10.46 -11.94 -14.39
CA ILE B 147 -11.67 -11.62 -13.63
C ILE B 147 -11.42 -11.50 -12.13
N ASP B 148 -10.17 -11.70 -11.65
CA ASP B 148 -9.93 -11.79 -10.20
C ASP B 148 -8.50 -11.32 -9.91
N VAL B 149 -8.32 -9.99 -9.86
CA VAL B 149 -7.03 -9.35 -9.58
C VAL B 149 -7.04 -8.90 -8.11
N ALA B 150 -5.99 -9.26 -7.37
CA ALA B 150 -5.94 -8.90 -5.95
C ALA B 150 -6.14 -7.40 -5.77
N CYS B 151 -7.02 -7.03 -4.86
CA CYS B 151 -7.24 -5.62 -4.54
C CYS B 151 -6.53 -5.18 -3.26
N THR B 152 -6.03 -6.12 -2.46
CA THR B 152 -5.19 -5.77 -1.33
C THR B 152 -3.75 -5.74 -1.80
N LEU B 153 -3.03 -4.66 -1.46
CA LEU B 153 -1.63 -4.56 -1.85
C LEU B 153 -0.73 -5.27 -0.84
N ALA B 154 -0.91 -4.98 0.45
CA ALA B 154 -0.05 -5.54 1.49
C ALA B 154 -0.71 -5.33 2.84
N LEU B 155 -0.25 -6.12 3.81
CA LEU B 155 -0.60 -5.95 5.21
C LEU B 155 0.69 -5.74 5.99
N GLN B 156 0.73 -4.76 6.88
CA GLN B 156 1.93 -4.48 7.66
C GLN B 156 1.63 -4.62 9.14
N PHE B 157 2.60 -5.15 9.90
CA PHE B 157 2.49 -5.26 11.34
C PHE B 157 3.67 -4.55 12.00
N LEU B 158 3.39 -3.84 13.10
CA LEU B 158 4.41 -3.13 13.86
C LEU B 158 4.18 -3.33 15.35
N ILE B 159 5.24 -3.69 16.08
CA ILE B 159 5.20 -3.74 17.54
C ILE B 159 5.55 -2.35 18.06
N ARG B 160 4.60 -1.70 18.72
CA ARG B 160 4.79 -0.35 19.23
C ARG B 160 4.28 -0.31 20.66
N ASP B 161 5.19 -0.07 21.61
CA ASP B 161 4.85 -0.02 23.03
C ASP B 161 4.12 -1.29 23.48
N GLY B 162 4.65 -2.43 23.06
CA GLY B 162 4.13 -3.72 23.47
C GLY B 162 2.85 -4.17 22.81
N LEU B 163 2.32 -3.41 21.87
CA LEU B 163 1.08 -3.74 21.18
C LEU B 163 1.36 -3.94 19.70
N LEU B 164 0.67 -4.92 19.11
CA LEU B 164 0.82 -5.19 17.68
C LEU B 164 -0.18 -4.34 16.92
N CYS B 165 0.33 -3.38 16.15
CA CYS B 165 -0.47 -2.56 15.26
C CYS B 165 -0.48 -3.17 13.86
N GLY B 166 -1.59 -2.98 13.14
CA GLY B 166 -1.74 -3.52 11.80
C GLY B 166 -2.17 -2.44 10.83
N ILE B 167 -1.71 -2.57 9.58
CA ILE B 167 -2.07 -1.63 8.51
C ILE B 167 -2.41 -2.44 7.26
N GLY B 168 -3.63 -2.23 6.74
CA GLY B 168 -4.02 -2.83 5.48
C GLY B 168 -4.00 -1.81 4.37
N TYR B 169 -3.22 -2.10 3.33
CA TYR B 169 -3.09 -1.24 2.15
C TYR B 169 -3.85 -1.87 1.00
N MET B 170 -4.86 -1.19 0.50
CA MET B 170 -5.61 -1.70 -0.64
C MET B 170 -5.67 -0.67 -1.76
N ARG B 171 -5.60 -1.19 -3.00
CA ARG B 171 -5.78 -0.33 -4.17
C ARG B 171 -7.25 0.02 -4.38
N ALA B 172 -8.17 -0.80 -3.88
CA ALA B 172 -9.59 -0.60 -4.06
C ALA B 172 -10.32 -1.41 -3.00
N ASN B 173 -11.49 -0.92 -2.60
CA ASN B 173 -12.26 -1.62 -1.57
C ASN B 173 -13.72 -1.29 -1.79
N ASP B 174 -14.53 -2.34 -1.90
CA ASP B 174 -15.98 -2.19 -1.93
C ASP B 174 -16.45 -1.83 -0.53
N ALA B 175 -16.92 -0.59 -0.36
CA ALA B 175 -17.25 -0.08 0.97
C ALA B 175 -18.49 -0.71 1.57
N PHE B 176 -19.35 -1.34 0.76
CA PHE B 176 -20.53 -1.95 1.33
C PHE B 176 -20.31 -3.40 1.76
N ARG B 177 -19.76 -4.23 0.86
CA ARG B 177 -19.58 -5.66 1.16
C ARG B 177 -18.14 -5.99 1.54
N GLY B 178 -17.20 -5.75 0.62
CA GLY B 178 -15.83 -6.19 0.85
C GLY B 178 -15.23 -5.64 2.12
N ALA B 179 -15.47 -4.36 2.41
CA ALA B 179 -14.88 -3.75 3.61
C ALA B 179 -15.27 -4.50 4.88
N VAL B 180 -16.49 -5.04 4.93
CA VAL B 180 -16.93 -5.75 6.13
C VAL B 180 -16.07 -6.98 6.36
N SER B 181 -15.87 -7.80 5.33
CA SER B 181 -15.11 -9.02 5.54
C SER B 181 -13.60 -8.79 5.50
N ASP B 182 -13.13 -7.80 4.72
CA ASP B 182 -11.70 -7.50 4.69
C ASP B 182 -11.22 -6.99 6.04
N VAL B 183 -11.92 -6.00 6.61
CA VAL B 183 -11.52 -5.51 7.93
C VAL B 183 -11.66 -6.61 8.98
N PHE B 184 -12.72 -7.44 8.90
CA PHE B 184 -12.81 -8.58 9.80
C PHE B 184 -11.58 -9.47 9.69
N SER B 185 -11.25 -9.90 8.47
CA SER B 185 -10.16 -10.86 8.31
C SER B 185 -8.82 -10.24 8.67
N PHE B 186 -8.58 -8.98 8.28
CA PHE B 186 -7.28 -8.37 8.55
C PHE B 186 -7.08 -8.16 10.05
N THR B 187 -8.12 -7.69 10.74
CA THR B 187 -8.00 -7.53 12.19
C THR B 187 -7.98 -8.88 12.90
N PHE B 188 -8.61 -9.90 12.30
CA PHE B 188 -8.49 -11.26 12.82
C PHE B 188 -7.04 -11.74 12.72
N LEU B 189 -6.40 -11.50 11.57
CA LEU B 189 -5.02 -11.94 11.42
C LEU B 189 -4.13 -11.16 12.39
N GLN B 190 -4.41 -9.86 12.55
CA GLN B 190 -3.68 -9.03 13.49
C GLN B 190 -3.75 -9.60 14.90
N GLU B 191 -4.97 -9.87 15.37
CA GLU B 191 -5.12 -10.42 16.72
C GLU B 191 -4.45 -11.77 16.84
N PHE B 192 -4.67 -12.65 15.86
CA PHE B 192 -4.03 -13.95 15.84
C PHE B 192 -2.52 -13.84 15.95
N THR B 193 -1.94 -12.92 15.19
CA THR B 193 -0.50 -12.74 15.21
C THR B 193 -0.05 -12.14 16.53
N ALA B 194 -0.85 -11.22 17.08
CA ALA B 194 -0.54 -10.63 18.39
C ALA B 194 -0.54 -11.69 19.50
N ARG B 195 -1.57 -12.55 19.54
CA ARG B 195 -1.58 -13.62 20.53
C ARG B 195 -0.34 -14.49 20.42
N TYR B 196 -0.01 -14.91 19.19
CA TYR B 196 1.15 -15.75 18.97
C TYR B 196 2.42 -15.09 19.49
N LEU B 197 2.55 -13.77 19.33
CA LEU B 197 3.74 -13.05 19.76
C LEU B 197 3.72 -12.69 21.23
N GLY B 198 2.62 -12.96 21.93
CA GLY B 198 2.50 -12.58 23.33
C GLY B 198 2.29 -11.11 23.58
N LEU B 199 1.60 -10.41 22.68
CA LEU B 199 1.41 -8.96 22.75
C LEU B 199 -0.06 -8.62 22.84
N GLY B 200 -0.34 -7.40 23.33
CA GLY B 200 -1.67 -6.83 23.22
C GLY B 200 -1.96 -6.35 21.81
N ILE B 201 -3.19 -5.89 21.62
CA ILE B 201 -3.67 -5.43 20.33
C ILE B 201 -3.54 -3.91 20.29
N GLY B 202 -2.84 -3.39 19.27
CA GLY B 202 -2.80 -1.96 19.02
C GLY B 202 -3.85 -1.54 18.01
N THR B 203 -3.60 -0.39 17.38
CA THR B 203 -4.56 0.13 16.43
C THR B 203 -4.47 -0.62 15.10
N TYR B 204 -5.55 -0.56 14.34
CA TYR B 204 -5.57 -1.05 12.97
C TYR B 204 -5.84 0.13 12.06
N HIS B 205 -5.01 0.28 11.02
CA HIS B 205 -5.13 1.35 10.04
C HIS B 205 -5.55 0.75 8.70
N HIS B 206 -6.61 1.29 8.12
CA HIS B 206 -7.11 0.84 6.82
C HIS B 206 -6.90 1.98 5.83
N VAL B 207 -6.17 1.71 4.74
CA VAL B 207 -5.89 2.73 3.72
C VAL B 207 -6.21 2.17 2.35
N VAL B 208 -6.98 2.92 1.57
CA VAL B 208 -7.59 2.42 0.34
C VAL B 208 -7.50 3.49 -0.75
N GLY B 209 -7.04 3.10 -1.94
CA GLY B 209 -7.03 3.96 -3.11
C GLY B 209 -8.41 4.36 -3.62
N SER B 210 -9.21 3.38 -4.06
CA SER B 210 -10.58 3.63 -4.51
C SER B 210 -11.54 2.95 -3.54
N VAL B 211 -12.30 3.75 -2.80
CA VAL B 211 -13.37 3.22 -1.96
C VAL B 211 -14.69 3.57 -2.62
N HIS B 212 -15.57 2.57 -2.77
CA HIS B 212 -16.69 2.76 -3.67
C HIS B 212 -17.91 1.96 -3.21
N ILE B 213 -19.06 2.39 -3.68
CA ILE B 213 -20.32 1.66 -3.55
C ILE B 213 -20.86 1.40 -4.94
N TYR B 214 -21.07 0.13 -5.28
CA TYR B 214 -21.68 -0.21 -6.55
C TYR B 214 -23.15 0.22 -6.56
N ASP B 215 -23.60 0.78 -7.69
CA ASP B 215 -24.99 1.21 -7.81
C ASP B 215 -25.96 0.09 -7.47
N SER B 216 -25.62 -1.15 -7.84
CA SER B 216 -26.49 -2.28 -7.54
C SER B 216 -26.62 -2.54 -6.03
N ASP B 217 -25.76 -1.96 -5.20
CA ASP B 217 -25.88 -2.06 -3.74
C ASP B 217 -26.49 -0.81 -3.11
N ALA B 218 -26.88 0.19 -3.90
CA ALA B 218 -27.29 1.47 -3.30
C ALA B 218 -28.50 1.30 -2.41
N ARG B 219 -29.46 0.51 -2.87
CA ARG B 219 -30.70 0.30 -2.12
C ARG B 219 -30.42 -0.34 -0.75
N TRP B 220 -29.63 -1.41 -0.73
CA TRP B 220 -29.27 -2.02 0.54
C TRP B 220 -28.46 -1.04 1.41
N ALA B 221 -27.54 -0.29 0.79
CA ALA B 221 -26.73 0.66 1.55
C ALA B 221 -27.57 1.73 2.24
N GLU B 222 -28.54 2.36 1.55
CA GLU B 222 -29.38 3.28 2.32
C GLU B 222 -30.26 2.63 3.38
N ARG B 223 -30.74 1.40 3.18
CA ARG B 223 -31.44 0.74 4.27
C ARG B 223 -30.55 0.66 5.51
N VAL B 224 -29.26 0.36 5.30
CA VAL B 224 -28.33 0.30 6.43
C VAL B 224 -28.15 1.67 7.08
N LEU B 225 -28.01 2.72 6.26
CA LEU B 225 -27.80 4.06 6.81
C LEU B 225 -29.06 4.60 7.50
N ASP B 226 -30.24 4.22 7.01
CA ASP B 226 -31.52 4.64 7.61
C ASP B 226 -31.81 3.98 8.95
N ALA B 227 -31.15 2.87 9.26
CA ALA B 227 -31.43 2.14 10.50
C ALA B 227 -31.21 3.03 11.73
N ARG B 235 -24.29 -2.48 22.52
CA ARG B 235 -23.97 -3.66 21.72
C ARG B 235 -23.37 -4.77 22.58
N PRO B 236 -23.60 -6.01 22.18
CA PRO B 236 -22.77 -7.10 22.70
C PRO B 236 -21.37 -7.01 22.10
N GLY B 237 -20.36 -7.36 22.91
CA GLY B 237 -18.99 -7.25 22.49
C GLY B 237 -18.48 -8.49 21.76
N PHE B 238 -17.55 -8.29 20.83
CA PHE B 238 -16.91 -9.41 20.14
C PHE B 238 -15.89 -10.07 21.06
N PRO B 239 -15.89 -11.40 21.18
CA PRO B 239 -14.98 -12.05 22.12
C PRO B 239 -13.54 -12.03 21.66
N ALA B 240 -12.64 -12.08 22.63
CA ALA B 240 -11.20 -12.04 22.40
C ALA B 240 -10.68 -13.43 22.11
N MET B 241 -9.74 -13.52 21.19
CA MET B 241 -9.13 -14.79 20.86
C MET B 241 -8.16 -15.16 21.98
N PRO B 242 -8.02 -16.44 22.31
CA PRO B 242 -7.21 -16.81 23.48
C PRO B 242 -5.73 -16.51 23.27
N ASP B 243 -5.04 -16.34 24.40
CA ASP B 243 -3.63 -16.00 24.41
C ASP B 243 -2.78 -17.15 23.85
N GLY B 244 -1.60 -16.80 23.37
CA GLY B 244 -0.65 -17.80 22.94
C GLY B 244 -0.77 -18.18 21.46
N ASP B 245 -0.13 -19.30 21.14
CA ASP B 245 -0.10 -19.82 19.78
C ASP B 245 -1.42 -20.52 19.48
N ASN B 246 -2.24 -19.92 18.62
CA ASN B 246 -3.52 -20.54 18.28
C ASN B 246 -3.46 -21.48 17.09
N TRP B 247 -2.28 -21.72 16.50
CA TRP B 247 -2.21 -22.63 15.36
C TRP B 247 -2.75 -24.03 15.66
N PRO B 248 -2.46 -24.67 16.80
CA PRO B 248 -3.08 -25.98 17.05
C PRO B 248 -4.59 -25.97 17.05
N HIS B 249 -5.20 -24.93 17.64
CA HIS B 249 -6.64 -24.82 17.60
C HIS B 249 -7.14 -24.59 16.19
N VAL B 250 -6.46 -23.72 15.43
CA VAL B 250 -6.83 -23.46 14.05
C VAL B 250 -6.80 -24.74 13.24
N ARG B 251 -5.77 -25.59 13.46
CA ARG B 251 -5.71 -26.85 12.71
C ARG B 251 -6.92 -27.74 13.02
N ARG B 252 -7.31 -27.83 14.29
CA ARG B 252 -8.44 -28.65 14.67
C ARG B 252 -9.74 -28.05 14.16
N VAL B 253 -9.88 -26.73 14.22
CA VAL B 253 -11.07 -26.07 13.72
C VAL B 253 -11.21 -26.28 12.21
N LEU B 254 -10.07 -26.27 11.49
CA LEU B 254 -10.11 -26.51 10.05
C LEU B 254 -10.50 -27.94 9.73
N GLU B 255 -10.12 -28.89 10.58
CA GLU B 255 -10.58 -30.26 10.40
C GLU B 255 -12.10 -30.35 10.54
N TRP B 256 -12.66 -29.76 11.60
CA TRP B 256 -14.12 -29.76 11.74
C TRP B 256 -14.79 -28.96 10.62
N GLU B 257 -14.18 -27.85 10.19
CA GLU B 257 -14.79 -27.05 9.14
C GLU B 257 -14.99 -27.88 7.89
N GLU B 258 -14.01 -28.71 7.55
CA GLU B 258 -14.11 -29.48 6.31
C GLU B 258 -15.14 -30.59 6.43
N ARG B 259 -15.17 -31.28 7.58
CA ARG B 259 -16.14 -32.37 7.76
C ARG B 259 -17.56 -31.83 7.82
N LEU B 260 -17.77 -30.72 8.52
CA LEU B 260 -19.12 -30.20 8.60
C LEU B 260 -19.59 -29.66 7.24
N ARG B 261 -18.72 -28.97 6.51
CA ARG B 261 -19.11 -28.38 5.23
C ARG B 261 -19.49 -29.46 4.20
N THR B 262 -18.76 -30.57 4.18
CA THR B 262 -19.07 -31.68 3.28
C THR B 262 -20.10 -32.63 3.86
N ASN B 263 -20.68 -32.28 5.01
CA ASN B 263 -21.67 -33.12 5.69
C ASN B 263 -21.10 -34.51 6.03
N ALA B 264 -19.79 -34.60 6.23
CA ALA B 264 -19.14 -35.83 6.64
C ALA B 264 -19.15 -36.01 8.16
N ALA B 265 -19.65 -35.02 8.89
CA ALA B 265 -19.85 -35.15 10.32
C ALA B 265 -20.96 -34.22 10.74
N ARG B 266 -21.43 -34.40 11.97
CA ARG B 266 -22.35 -33.44 12.59
C ARG B 266 -22.27 -33.60 14.10
N LEU B 267 -22.57 -32.51 14.81
CA LEU B 267 -22.35 -32.40 16.25
C LEU B 267 -23.54 -31.73 16.92
N SER B 268 -24.11 -32.38 17.93
CA SER B 268 -25.15 -31.74 18.72
C SER B 268 -24.55 -30.64 19.60
N ALA B 269 -25.45 -29.84 20.20
CA ALA B 269 -25.02 -28.78 21.11
C ALA B 269 -24.18 -29.34 22.27
N ASP B 270 -24.59 -30.48 22.82
CA ASP B 270 -23.80 -31.06 23.91
C ASP B 270 -22.47 -31.60 23.38
N ALA B 271 -22.48 -32.19 22.17
CA ALA B 271 -21.21 -32.63 21.59
C ALA B 271 -20.27 -31.45 21.38
N LEU B 272 -20.81 -30.31 20.91
CA LEU B 272 -20.00 -29.13 20.68
C LEU B 272 -19.41 -28.60 21.99
N ASP B 273 -20.22 -28.54 23.05
CA ASP B 273 -19.73 -28.04 24.32
C ASP B 273 -18.62 -28.92 24.89
N ALA B 274 -18.60 -30.20 24.53
CA ALA B 274 -17.62 -31.15 25.05
C ALA B 274 -16.39 -31.28 24.18
N LEU B 275 -16.29 -30.55 23.08
CA LEU B 275 -15.09 -30.58 22.25
C LEU B 275 -13.89 -30.13 23.06
N ASP B 276 -12.74 -30.74 22.78
CA ASP B 276 -11.47 -30.38 23.42
C ASP B 276 -10.86 -29.18 22.71
N LEU B 277 -11.45 -28.02 22.97
CA LEU B 277 -11.00 -26.76 22.37
C LEU B 277 -11.27 -25.66 23.37
N PRO B 278 -10.52 -24.56 23.31
CA PRO B 278 -10.90 -23.39 24.10
C PRO B 278 -12.30 -22.93 23.68
N ALA B 279 -13.00 -22.33 24.63
CA ALA B 279 -14.38 -21.91 24.37
C ALA B 279 -14.50 -21.05 23.11
N TYR B 280 -13.53 -20.15 22.89
CA TYR B 280 -13.58 -19.26 21.73
C TYR B 280 -13.69 -20.07 20.43
N TRP B 281 -12.87 -21.12 20.29
CA TRP B 281 -12.87 -21.93 19.07
C TRP B 281 -14.03 -22.91 19.03
N LYS B 282 -14.50 -23.40 20.18
CA LYS B 282 -15.72 -24.21 20.19
C LYS B 282 -16.88 -23.44 19.59
N HIS B 283 -17.02 -22.15 19.94
CA HIS B 283 -18.09 -21.36 19.35
C HIS B 283 -17.95 -21.26 17.83
N VAL B 284 -16.71 -21.20 17.33
CA VAL B 284 -16.51 -21.12 15.89
C VAL B 284 -16.95 -22.43 15.23
N VAL B 285 -16.61 -23.56 15.84
CA VAL B 285 -17.08 -24.84 15.31
C VAL B 285 -18.60 -24.90 15.36
N ALA B 286 -19.19 -24.39 16.44
CA ALA B 286 -20.65 -24.37 16.55
C ALA B 286 -21.28 -23.57 15.43
N LEU B 287 -20.64 -22.47 15.00
CA LEU B 287 -21.17 -21.71 13.88
C LEU B 287 -21.18 -22.55 12.60
N PHE B 288 -20.14 -23.35 12.39
CA PHE B 288 -20.08 -24.22 11.22
C PHE B 288 -21.13 -25.32 11.29
N GLU B 289 -21.38 -25.88 12.48
CA GLU B 289 -22.45 -26.87 12.60
C GLU B 289 -23.82 -26.26 12.32
N ALA B 290 -24.08 -25.05 12.85
CA ALA B 290 -25.33 -24.36 12.53
C ALA B 290 -25.45 -24.13 11.03
N HIS B 291 -24.37 -23.69 10.38
CA HIS B 291 -24.40 -23.46 8.94
C HIS B 291 -24.64 -24.75 8.19
N ARG B 292 -24.08 -25.86 8.67
CA ARG B 292 -24.35 -27.15 8.04
C ARG B 292 -25.82 -27.54 8.18
N GLN B 293 -26.43 -27.20 9.32
CA GLN B 293 -27.87 -27.47 9.46
C GLN B 293 -28.67 -26.73 8.40
N VAL B 294 -28.32 -25.46 8.14
CA VAL B 294 -29.02 -24.69 7.11
C VAL B 294 -28.79 -25.31 5.74
N ARG B 295 -27.52 -25.46 5.35
CA ARG B 295 -27.22 -25.79 3.97
C ARG B 295 -27.45 -27.26 3.63
N HIS B 296 -27.38 -28.16 4.62
CA HIS B 296 -27.66 -29.56 4.36
C HIS B 296 -29.02 -30.00 4.90
N GLU B 297 -29.87 -29.05 5.28
CA GLU B 297 -31.27 -29.30 5.64
C GLU B 297 -31.38 -30.33 6.76
N ASP B 298 -30.66 -30.08 7.84
CA ASP B 298 -30.78 -30.85 9.06
C ASP B 298 -31.52 -30.02 10.10
N THR B 299 -31.94 -30.69 11.18
CA THR B 299 -32.74 -30.04 12.22
C THR B 299 -31.96 -28.93 12.87
N PRO B 300 -32.45 -27.69 12.86
CA PRO B 300 -31.77 -26.61 13.59
C PRO B 300 -31.71 -26.92 15.07
N ASP B 301 -30.55 -26.68 15.66
CA ASP B 301 -30.30 -26.99 17.06
C ASP B 301 -30.42 -25.67 17.82
N ARG B 302 -31.54 -25.48 18.49
CA ARG B 302 -31.74 -24.25 19.24
C ARG B 302 -30.86 -24.20 20.48
N ALA B 303 -30.52 -25.36 21.02
CA ALA B 303 -29.61 -25.41 22.15
C ALA B 303 -28.23 -24.91 21.74
N LEU B 304 -27.79 -25.27 20.52
CA LEU B 304 -26.55 -24.71 19.98
C LEU B 304 -26.60 -23.20 20.02
N LEU B 305 -27.70 -22.63 19.54
CA LEU B 305 -27.83 -21.18 19.42
C LEU B 305 -27.71 -20.51 20.78
N ALA B 306 -28.33 -21.09 21.80
CA ALA B 306 -28.38 -20.45 23.11
C ALA B 306 -27.01 -20.35 23.75
N ALA B 307 -26.08 -21.26 23.41
CA ALA B 307 -24.77 -21.23 24.06
C ALA B 307 -23.77 -20.29 23.38
N LEU B 308 -24.12 -19.71 22.25
CA LEU B 308 -23.16 -18.86 21.56
C LEU B 308 -23.11 -17.47 22.17
N PRO B 309 -22.00 -16.75 21.99
CA PRO B 309 -21.97 -15.32 22.33
C PRO B 309 -23.10 -14.58 21.63
N GLU B 310 -23.60 -13.54 22.30
CA GLU B 310 -24.78 -12.84 21.79
C GLU B 310 -24.52 -12.22 20.41
N VAL B 311 -23.31 -11.72 20.17
CA VAL B 311 -22.98 -11.19 18.85
C VAL B 311 -23.23 -12.24 17.76
N TYR B 312 -22.85 -13.50 18.01
CA TYR B 312 -23.07 -14.54 17.01
C TYR B 312 -24.54 -14.92 16.93
N ARG B 313 -25.24 -14.93 18.06
CA ARG B 313 -26.66 -15.25 18.07
C ARG B 313 -27.43 -14.28 17.20
N GLN B 314 -27.16 -12.98 17.37
CA GLN B 314 -27.81 -11.95 16.59
C GLN B 314 -27.55 -12.13 15.10
N SER B 315 -26.29 -12.39 14.74
CA SER B 315 -25.96 -12.61 13.34
C SER B 315 -26.75 -13.78 12.77
N LEU B 316 -26.78 -14.93 13.47
CA LEU B 316 -27.52 -16.09 12.97
C LEU B 316 -29.02 -15.83 12.92
N ALA B 317 -29.58 -15.16 13.93
CA ALA B 317 -31.02 -14.94 13.95
C ALA B 317 -31.47 -14.06 12.79
N VAL B 318 -30.67 -13.05 12.44
CA VAL B 318 -31.05 -12.14 11.38
C VAL B 318 -30.78 -12.75 10.01
N LYS B 319 -29.69 -13.49 9.89
CA LYS B 319 -29.33 -14.05 8.59
C LYS B 319 -30.23 -15.25 8.23
N TRP B 320 -30.57 -16.10 9.19
CA TRP B 320 -31.41 -17.27 8.94
C TRP B 320 -32.58 -17.28 9.92
N PRO B 321 -33.52 -16.35 9.75
CA PRO B 321 -34.63 -16.23 10.72
C PRO B 321 -35.50 -17.46 10.80
N GLY B 322 -35.64 -18.22 9.71
CA GLY B 322 -36.44 -19.42 9.75
C GLY B 322 -35.84 -20.52 10.60
N HIS B 323 -34.52 -20.52 10.75
CA HIS B 323 -33.82 -21.53 11.52
C HIS B 323 -33.52 -21.08 12.94
N PHE B 324 -33.06 -19.83 13.12
CA PHE B 324 -32.55 -19.35 14.40
C PHE B 324 -33.21 -18.06 14.86
N GLY B 325 -34.31 -17.64 14.23
CA GLY B 325 -34.93 -16.37 14.56
C GLY B 325 -36.02 -16.44 15.62
#